data_2PNY
#
_entry.id   2PNY
#
_cell.length_a   50.897
_cell.length_b   52.815
_cell.length_c   96.391
_cell.angle_alpha   90.00
_cell.angle_beta   90.00
_cell.angle_gamma   90.00
#
_symmetry.space_group_name_H-M   'P 21 21 21'
#
loop_
_entity.id
_entity.type
_entity.pdbx_description
1 polymer 'Isopentenyl-diphosphate Delta-isomerase 2'
2 non-polymer 'CALCIUM ION'
3 non-polymer 'MANGANESE (II) ION'
4 non-polymer 'PYROPHOSPHATE 2-'
5 non-polymer GLYCEROL
6 water water
#
_entity_poly.entity_id   1
_entity_poly.type   'polypeptide(L)'
_entity_poly.pdbx_seq_one_letter_code
;MGSSHHHHHHSSGLVPRGSMSDINLDWVDRRQLQRLEEMLIVVDENDKVIGADTKRNCHLNENIEKGLLHRAFSVVLFNT
KNRILIQQRSDTKVTFPGYFTDSCSSHPLYNPAELEEKDAIGVRRAAQRRLQAELGIPGEQISPEDIVFMTIYHHKAKSD
RIWGEHEICYLLLVRKNVTLNPDPSETKSILYLSQEELWELLEREARGEVKVTPWLRTIAERFLYRWWPHLDDVTPFVEL
HKIHRV
;
_entity_poly.pdbx_strand_id   A
#
loop_
_chem_comp.id
_chem_comp.type
_chem_comp.name
_chem_comp.formula
CA non-polymer 'CALCIUM ION' 'Ca 2'
GOL non-polymer GLYCEROL 'C3 H8 O3'
MN non-polymer 'MANGANESE (II) ION' 'Mn 2'
POP non-polymer 'PYROPHOSPHATE 2-' 'H2 O7 P2 -2'
#
# COMPACT_ATOMS: atom_id res chain seq x y z
N LEU A 14 -10.99 28.08 -6.16
CA LEU A 14 -12.15 27.39 -5.51
C LEU A 14 -12.43 26.07 -6.17
N VAL A 15 -12.91 25.11 -5.40
CA VAL A 15 -13.17 23.79 -5.93
C VAL A 15 -14.64 23.78 -6.35
N PRO A 16 -14.90 23.43 -7.61
CA PRO A 16 -16.33 23.39 -8.03
C PRO A 16 -17.05 22.20 -7.39
N ARG A 17 -18.29 22.41 -6.95
CA ARG A 17 -19.03 21.28 -6.35
C ARG A 17 -20.31 21.15 -7.15
N GLY A 18 -20.44 20.08 -7.93
CA GLY A 18 -21.62 19.92 -8.77
C GLY A 18 -22.81 19.74 -7.88
N SER A 19 -22.60 18.99 -6.81
CA SER A 19 -23.63 18.77 -5.85
C SER A 19 -23.04 18.29 -4.54
N MET A 20 -23.88 18.13 -3.52
N MET A 20 -23.92 18.16 -3.54
CA MET A 20 -23.41 17.66 -2.22
CA MET A 20 -23.58 17.63 -2.23
C MET A 20 -23.08 16.14 -2.24
C MET A 20 -22.98 16.23 -2.34
N SER A 21 -23.45 15.45 -3.31
CA SER A 21 -22.92 14.08 -3.55
C SER A 21 -21.36 13.99 -3.57
N ASP A 22 -20.69 15.09 -3.92
CA ASP A 22 -19.22 15.14 -3.83
C ASP A 22 -18.70 14.80 -2.45
N ILE A 23 -19.46 15.11 -1.42
CA ILE A 23 -18.94 14.91 -0.05
C ILE A 23 -19.36 13.55 0.59
N ASN A 24 -20.18 12.80 -0.12
CA ASN A 24 -20.71 11.46 0.27
C ASN A 24 -19.60 10.47 0.60
N LEU A 25 -19.67 9.89 1.80
CA LEU A 25 -18.86 8.70 2.15
C LEU A 25 -19.76 7.63 2.76
N ASP A 26 -20.92 7.41 2.14
CA ASP A 26 -21.90 6.52 2.77
C ASP A 26 -21.44 5.06 2.77
N TRP A 27 -20.54 4.68 1.88
CA TRP A 27 -20.04 3.28 1.88
C TRP A 27 -18.97 2.97 2.97
N VAL A 28 -18.47 4.04 3.60
CA VAL A 28 -17.35 3.93 4.52
C VAL A 28 -17.88 3.72 5.95
N ASP A 29 -17.24 2.84 6.74
CA ASP A 29 -17.72 2.58 8.09
C ASP A 29 -17.12 3.57 9.08
N ARG A 30 -17.60 3.51 10.31
CA ARG A 30 -17.16 4.52 11.28
C ARG A 30 -15.65 4.45 11.55
N ARG A 31 -15.08 3.24 11.58
CA ARG A 31 -13.64 3.09 11.84
C ARG A 31 -12.81 3.75 10.77
N GLN A 32 -13.15 3.50 9.50
CA GLN A 32 -12.40 4.11 8.41
C GLN A 32 -12.61 5.63 8.37
N LEU A 33 -13.81 6.09 8.71
CA LEU A 33 -14.02 7.54 8.82
C LEU A 33 -13.13 8.17 9.89
N GLN A 34 -13.00 7.50 11.04
CA GLN A 34 -12.17 8.04 12.13
C GLN A 34 -10.71 8.13 11.68
N ARG A 35 -10.27 7.16 10.87
CA ARG A 35 -8.85 7.09 10.42
C ARG A 35 -8.49 8.23 9.45
N LEU A 36 -9.52 8.90 8.91
CA LEU A 36 -9.28 10.05 8.01
C LEU A 36 -8.56 11.15 8.75
N GLU A 37 -8.61 11.13 10.08
CA GLU A 37 -7.90 12.17 10.83
C GLU A 37 -6.44 11.86 11.17
N GLU A 38 -5.94 10.68 10.79
CA GLU A 38 -4.51 10.32 11.05
C GLU A 38 -3.64 11.37 10.37
N MET A 39 -2.55 11.76 11.04
CA MET A 39 -1.59 12.73 10.48
C MET A 39 -0.46 11.97 9.74
N LEU A 40 -0.38 12.21 8.43
CA LEU A 40 0.55 11.57 7.52
C LEU A 40 1.76 12.47 7.31
N ILE A 41 2.78 11.93 6.65
CA ILE A 41 4.02 12.63 6.44
C ILE A 41 3.97 13.16 5.01
N VAL A 42 3.94 14.49 4.89
CA VAL A 42 3.95 15.14 3.58
C VAL A 42 5.39 15.33 3.12
N VAL A 43 5.64 14.99 1.86
CA VAL A 43 6.99 15.01 1.34
C VAL A 43 7.03 15.70 -0.01
N ASP A 44 8.24 16.09 -0.41
CA ASP A 44 8.43 16.56 -1.77
C ASP A 44 8.78 15.38 -2.70
N GLU A 45 9.06 15.69 -3.97
CA GLU A 45 9.29 14.65 -4.97
C GLU A 45 10.57 13.86 -4.73
N ASN A 46 11.43 14.39 -3.88
CA ASN A 46 12.66 13.68 -3.53
C ASN A 46 12.57 13.02 -2.16
N ASP A 47 11.35 12.90 -1.64
CA ASP A 47 11.10 12.20 -0.38
C ASP A 47 11.64 12.96 0.84
N LYS A 48 11.75 14.28 0.72
CA LYS A 48 12.12 15.06 1.90
C LYS A 48 10.85 15.52 2.62
N VAL A 49 10.83 15.31 3.95
CA VAL A 49 9.70 15.72 4.77
C VAL A 49 9.51 17.23 4.76
N ILE A 50 8.32 17.63 4.38
CA ILE A 50 8.01 19.04 4.41
C ILE A 50 6.92 19.40 5.42
N GLY A 51 6.16 18.42 5.91
CA GLY A 51 5.20 18.68 6.98
C GLY A 51 4.31 17.51 7.25
N ALA A 52 3.19 17.79 7.91
CA ALA A 52 2.14 16.81 8.22
C ALA A 52 0.81 17.29 7.65
N ASP A 53 -0.06 16.35 7.28
CA ASP A 53 -1.43 16.68 6.92
C ASP A 53 -2.26 15.43 7.09
N THR A 54 -3.58 15.56 7.11
CA THR A 54 -4.47 14.43 7.41
C THR A 54 -4.60 13.47 6.26
N LYS A 55 -5.01 12.26 6.59
CA LYS A 55 -5.28 11.23 5.60
C LYS A 55 -6.36 11.78 4.63
N ARG A 56 -7.40 12.40 5.20
CA ARG A 56 -8.46 13.01 4.36
C ARG A 56 -7.80 13.93 3.32
N ASN A 57 -7.01 14.90 3.79
CA ASN A 57 -6.49 15.92 2.87
C ASN A 57 -5.57 15.31 1.81
N CYS A 58 -4.76 14.35 2.25
CA CYS A 58 -3.77 13.73 1.35
C CYS A 58 -4.39 12.88 0.26
N HIS A 59 -5.65 12.47 0.46
CA HIS A 59 -6.28 11.57 -0.52
C HIS A 59 -7.41 12.23 -1.32
N LEU A 60 -7.52 13.55 -1.21
CA LEU A 60 -8.46 14.32 -2.04
C LEU A 60 -7.80 14.73 -3.37
N ASN A 61 -8.44 14.38 -4.48
CA ASN A 61 -7.88 14.76 -5.79
C ASN A 61 -7.68 16.27 -5.95
N GLU A 62 -8.61 17.06 -5.39
CA GLU A 62 -8.50 18.51 -5.41
C GLU A 62 -7.18 19.05 -4.80
N ASN A 63 -6.61 18.31 -3.85
CA ASN A 63 -5.34 18.67 -3.21
C ASN A 63 -4.15 18.05 -3.92
N ILE A 64 -4.33 16.81 -4.38
CA ILE A 64 -3.31 16.09 -5.12
C ILE A 64 -2.97 16.85 -6.41
N GLU A 65 -3.99 17.42 -7.05
CA GLU A 65 -3.77 18.18 -8.27
C GLU A 65 -2.99 19.47 -8.07
N LYS A 66 -2.95 19.93 -6.83
CA LYS A 66 -2.14 21.10 -6.43
C LYS A 66 -0.72 20.66 -6.06
N GLY A 67 -0.48 19.34 -6.02
CA GLY A 67 0.86 18.81 -5.77
C GLY A 67 1.03 18.06 -4.46
N LEU A 68 -0.02 18.05 -3.63
CA LEU A 68 0.10 17.40 -2.33
C LEU A 68 0.56 15.94 -2.49
N LEU A 69 1.61 15.57 -1.77
CA LEU A 69 2.26 14.27 -1.92
C LEU A 69 2.66 13.76 -0.54
N HIS A 70 2.45 12.46 -0.28
CA HIS A 70 2.78 11.90 1.04
C HIS A 70 3.61 10.62 0.92
N ARG A 71 4.32 10.30 1.99
CA ARG A 71 5.09 9.06 2.05
C ARG A 71 4.16 7.88 2.35
N ALA A 72 4.46 6.71 1.76
CA ALA A 72 3.58 5.56 1.92
C ALA A 72 4.40 4.30 1.77
N PHE A 73 3.75 3.16 1.94
CA PHE A 73 4.41 1.88 1.60
C PHE A 73 3.43 0.89 1.00
N SER A 74 4.02 -0.10 0.30
CA SER A 74 3.29 -1.30 -0.17
C SER A 74 4.09 -2.49 0.27
N VAL A 75 3.44 -3.52 0.82
CA VAL A 75 4.16 -4.73 1.20
C VAL A 75 3.79 -5.84 0.24
N VAL A 76 4.79 -6.62 -0.15
CA VAL A 76 4.51 -7.86 -0.86
C VAL A 76 4.98 -8.99 0.06
N LEU A 77 4.01 -9.77 0.56
CA LEU A 77 4.30 -10.85 1.50
C LEU A 77 4.13 -12.20 0.82
N PHE A 78 5.16 -13.05 0.91
CA PHE A 78 5.18 -14.37 0.27
C PHE A 78 5.30 -15.45 1.32
N ASN A 79 4.58 -16.56 1.17
CA ASN A 79 4.86 -17.70 2.02
C ASN A 79 6.08 -18.51 1.47
N THR A 80 6.46 -19.59 2.17
CA THR A 80 7.65 -20.36 1.77
C THR A 80 7.36 -21.27 0.56
N LYS A 81 6.12 -21.33 0.11
CA LYS A 81 5.76 -21.93 -1.19
C LYS A 81 5.69 -20.89 -2.32
N ASN A 82 6.24 -19.70 -2.05
CA ASN A 82 6.30 -18.57 -2.98
C ASN A 82 4.94 -18.11 -3.53
N ARG A 83 3.89 -18.25 -2.72
CA ARG A 83 2.61 -17.63 -3.02
C ARG A 83 2.56 -16.26 -2.36
N ILE A 84 2.02 -15.29 -3.09
CA ILE A 84 1.89 -13.92 -2.59
C ILE A 84 0.51 -13.72 -1.98
N LEU A 85 0.47 -12.97 -0.89
CA LEU A 85 -0.79 -12.64 -0.23
C LEU A 85 -1.42 -11.46 -0.96
N ILE A 86 -2.58 -11.70 -1.58
CA ILE A 86 -3.29 -10.63 -2.27
C ILE A 86 -4.53 -10.27 -1.44
N GLN A 87 -4.57 -9.06 -0.90
CA GLN A 87 -5.77 -8.61 -0.18
C GLN A 87 -6.82 -8.17 -1.15
N GLN A 88 -8.07 -8.42 -0.79
CA GLN A 88 -9.19 -7.66 -1.39
C GLN A 88 -9.58 -6.63 -0.35
N ARG A 89 -9.54 -5.37 -0.74
CA ARG A 89 -9.90 -4.26 0.19
C ARG A 89 -11.35 -4.37 0.53
N SER A 90 -11.69 -4.10 1.79
N SER A 90 -11.68 -4.08 1.79
CA SER A 90 -13.09 -4.09 2.18
CA SER A 90 -13.08 -4.01 2.24
C SER A 90 -13.87 -3.08 1.33
C SER A 90 -13.88 -3.02 1.41
N ASP A 91 -15.19 -3.26 1.31
CA ASP A 91 -16.09 -2.34 0.65
C ASP A 91 -16.19 -1.04 1.43
N THR A 92 -15.65 -1.03 2.65
CA THR A 92 -15.73 0.18 3.48
C THR A 92 -14.48 1.08 3.43
N LYS A 93 -13.50 0.77 2.60
CA LYS A 93 -12.30 1.63 2.42
C LYS A 93 -12.71 2.89 1.67
N VAL A 94 -12.11 4.04 2.03
CA VAL A 94 -12.42 5.28 1.32
C VAL A 94 -12.00 5.20 -0.14
N THR A 95 -10.78 4.67 -0.36
CA THR A 95 -10.19 4.55 -1.70
C THR A 95 -10.17 3.10 -2.16
N PHE A 96 -10.49 2.90 -3.45
CA PHE A 96 -10.47 1.57 -4.06
C PHE A 96 -11.20 0.50 -3.21
N PRO A 97 -12.45 0.78 -2.76
CA PRO A 97 -13.13 -0.24 -1.93
C PRO A 97 -13.37 -1.48 -2.81
N GLY A 98 -13.19 -2.67 -2.24
CA GLY A 98 -13.53 -3.88 -2.98
C GLY A 98 -12.46 -4.32 -3.96
N TYR A 99 -11.39 -3.52 -4.14
CA TYR A 99 -10.37 -3.93 -5.16
C TYR A 99 -9.36 -4.91 -4.60
N PHE A 100 -8.90 -5.81 -5.46
CA PHE A 100 -7.76 -6.64 -5.14
C PHE A 100 -6.49 -5.80 -5.24
N THR A 101 -5.51 -6.15 -4.42
CA THR A 101 -4.33 -5.27 -4.24
C THR A 101 -3.13 -6.06 -3.64
N ASP A 102 -2.07 -5.35 -3.25
CA ASP A 102 -0.88 -5.99 -2.71
C ASP A 102 -1.20 -6.52 -1.29
N SER A 103 -0.17 -6.94 -0.55
CA SER A 103 -0.43 -7.64 0.73
C SER A 103 -0.85 -6.68 1.85
N CYS A 104 -0.42 -5.42 1.74
CA CYS A 104 -0.71 -4.38 2.74
C CYS A 104 -0.19 -3.05 2.23
N SER A 105 -1.05 -2.04 2.15
CA SER A 105 -0.55 -0.70 1.82
C SER A 105 -1.04 0.28 2.88
N SER A 106 -0.24 1.29 3.19
CA SER A 106 -0.63 2.28 4.15
C SER A 106 0.48 3.29 4.18
N HIS A 107 0.60 3.98 5.31
CA HIS A 107 1.42 5.16 5.39
C HIS A 107 2.08 5.21 6.78
N PRO A 108 3.33 5.68 6.82
CA PRO A 108 3.88 5.98 8.15
C PRO A 108 3.21 7.27 8.68
N LEU A 109 3.02 7.32 10.00
CA LEU A 109 2.42 8.49 10.63
C LEU A 109 3.47 9.53 11.03
N TYR A 110 3.00 10.76 11.25
CA TYR A 110 3.89 11.83 11.65
C TYR A 110 4.08 11.76 13.16
N ASN A 111 4.96 10.86 13.58
CA ASN A 111 5.31 10.71 15.02
C ASN A 111 6.76 10.27 15.07
N PRO A 112 7.41 10.36 16.25
CA PRO A 112 8.86 10.08 16.26
C PRO A 112 9.25 8.71 15.72
N ALA A 113 8.47 7.69 16.07
CA ALA A 113 8.83 6.32 15.73
C ALA A 113 8.77 6.10 14.22
N GLU A 114 7.76 6.67 13.59
CA GLU A 114 7.53 6.42 12.14
C GLU A 114 8.14 7.42 11.21
N LEU A 115 8.65 8.52 11.78
CA LEU A 115 9.43 9.51 11.01
C LEU A 115 10.89 9.10 10.83
N GLU A 116 11.35 8.14 11.65
CA GLU A 116 12.80 7.80 11.66
C GLU A 116 13.21 7.28 10.28
N GLU A 117 14.22 7.88 9.66
CA GLU A 117 14.53 7.53 8.26
C GLU A 117 15.68 6.52 8.08
N LYS A 118 16.55 6.38 9.07
N LYS A 118 16.52 6.36 9.11
CA LYS A 118 17.70 5.51 8.82
CA LYS A 118 17.68 5.42 9.07
C LYS A 118 17.25 4.06 8.62
C LYS A 118 17.22 4.01 8.66
N ASP A 119 17.76 3.50 7.54
CA ASP A 119 17.42 2.15 7.01
C ASP A 119 15.91 1.96 6.84
N ALA A 120 15.21 3.08 6.60
CA ALA A 120 13.75 3.09 6.41
C ALA A 120 13.03 2.47 7.57
N ILE A 121 13.57 2.63 8.78
CA ILE A 121 12.98 1.92 9.94
C ILE A 121 11.59 2.47 10.27
N GLY A 122 11.38 3.78 10.06
CA GLY A 122 10.06 4.38 10.37
C GLY A 122 8.96 3.74 9.50
N VAL A 123 9.26 3.62 8.22
CA VAL A 123 8.33 2.98 7.29
C VAL A 123 8.13 1.49 7.63
N ARG A 124 9.22 0.82 7.99
CA ARG A 124 9.13 -0.62 8.32
C ARG A 124 8.32 -0.82 9.62
N ARG A 125 8.43 0.11 10.57
CA ARG A 125 7.60 0.04 11.78
C ARG A 125 6.14 0.25 11.45
N ALA A 126 5.84 1.18 10.56
CA ALA A 126 4.45 1.45 10.13
C ALA A 126 3.88 0.22 9.42
N ALA A 127 4.72 -0.42 8.61
CA ALA A 127 4.30 -1.65 7.91
C ALA A 127 3.97 -2.77 8.92
N GLN A 128 4.82 -3.00 9.93
N GLN A 128 4.82 -2.97 9.93
CA GLN A 128 4.46 -3.99 10.97
CA GLN A 128 4.57 -3.96 11.00
C GLN A 128 3.11 -3.62 11.57
C GLN A 128 3.25 -3.65 11.73
N ARG A 129 3.00 -2.37 12.01
CA ARG A 129 1.77 -1.88 12.66
C ARG A 129 0.52 -2.21 11.82
N ARG A 130 0.61 -1.96 10.53
CA ARG A 130 -0.55 -2.18 9.67
C ARG A 130 -0.74 -3.64 9.27
N LEU A 131 0.34 -4.42 9.18
CA LEU A 131 0.14 -5.86 8.98
C LEU A 131 -0.61 -6.44 10.19
N GLN A 132 -0.28 -5.94 11.39
CA GLN A 132 -1.01 -6.38 12.57
C GLN A 132 -2.48 -5.89 12.53
N ALA A 133 -2.67 -4.61 12.20
CA ALA A 133 -4.02 -4.01 12.29
C ALA A 133 -4.97 -4.57 11.22
N GLU A 134 -4.48 -4.68 9.98
CA GLU A 134 -5.32 -5.10 8.87
C GLU A 134 -5.49 -6.62 8.82
N LEU A 135 -4.38 -7.35 8.91
CA LEU A 135 -4.38 -8.80 8.68
C LEU A 135 -4.29 -9.60 9.97
N GLY A 136 -4.08 -8.94 11.10
CA GLY A 136 -4.01 -9.66 12.37
C GLY A 136 -2.74 -10.50 12.53
N ILE A 137 -1.69 -10.13 11.79
CA ILE A 137 -0.41 -10.84 11.92
C ILE A 137 0.33 -10.28 13.15
N PRO A 138 0.56 -11.13 14.15
CA PRO A 138 1.17 -10.60 15.38
C PRO A 138 2.62 -10.14 15.13
N GLY A 139 3.07 -9.20 15.97
CA GLY A 139 4.48 -8.74 15.94
C GLY A 139 5.48 -9.86 16.18
N GLU A 140 5.07 -10.90 16.90
CA GLU A 140 5.97 -12.04 17.15
C GLU A 140 6.31 -12.77 15.86
N GLN A 141 5.45 -12.64 14.86
CA GLN A 141 5.67 -13.33 13.62
C GLN A 141 6.41 -12.48 12.59
N ILE A 142 6.09 -11.19 12.51
CA ILE A 142 6.79 -10.27 11.61
C ILE A 142 7.12 -9.03 12.42
N SER A 143 8.41 -8.77 12.57
CA SER A 143 8.89 -7.52 13.18
C SER A 143 9.52 -6.68 12.08
N PRO A 144 9.90 -5.42 12.37
CA PRO A 144 10.54 -4.63 11.28
C PRO A 144 11.79 -5.31 10.69
N GLU A 145 12.50 -6.13 11.47
CA GLU A 145 13.69 -6.79 10.94
C GLU A 145 13.39 -7.74 9.79
N ASP A 146 12.17 -8.25 9.77
CA ASP A 146 11.70 -9.18 8.74
C ASP A 146 11.20 -8.45 7.49
N ILE A 147 11.07 -7.14 7.55
CA ILE A 147 10.42 -6.41 6.45
C ILE A 147 11.55 -5.77 5.67
N VAL A 148 11.73 -6.21 4.44
CA VAL A 148 12.94 -5.80 3.69
C VAL A 148 12.63 -4.61 2.79
N PHE A 149 13.36 -3.52 2.96
CA PHE A 149 13.23 -2.40 2.04
C PHE A 149 13.77 -2.79 0.65
N MET A 150 12.96 -2.62 -0.40
CA MET A 150 13.41 -2.96 -1.77
C MET A 150 13.68 -1.75 -2.66
N THR A 151 12.70 -0.87 -2.80
CA THR A 151 12.86 0.30 -3.67
C THR A 151 11.73 1.27 -3.39
N ILE A 152 11.68 2.36 -4.14
CA ILE A 152 10.64 3.36 -3.97
C ILE A 152 10.04 3.66 -5.34
N TYR A 153 8.72 3.83 -5.39
CA TYR A 153 8.03 4.32 -6.60
C TYR A 153 7.12 5.47 -6.31
N HIS A 154 7.10 6.44 -7.22
CA HIS A 154 6.21 7.60 -7.13
C HIS A 154 5.04 7.37 -8.09
N HIS A 155 3.82 7.34 -7.56
CA HIS A 155 2.67 7.08 -8.41
C HIS A 155 1.49 7.99 -8.07
N LYS A 156 0.54 8.11 -9.00
CA LYS A 156 -0.70 8.88 -8.74
C LYS A 156 -1.82 8.04 -9.32
N ALA A 157 -2.96 7.94 -8.63
CA ALA A 157 -4.10 7.23 -9.19
C ALA A 157 -5.37 7.92 -8.71
N LYS A 158 -6.48 7.72 -9.39
CA LYS A 158 -7.76 8.20 -8.88
C LYS A 158 -8.60 6.98 -8.53
N SER A 159 -9.22 7.01 -7.33
CA SER A 159 -10.23 6.01 -6.95
C SER A 159 -11.58 6.37 -7.56
N ASP A 160 -11.97 7.63 -7.43
CA ASP A 160 -13.18 8.14 -8.09
C ASP A 160 -12.95 9.63 -8.41
N ARG A 161 -13.99 10.39 -8.74
CA ARG A 161 -13.77 11.79 -9.08
C ARG A 161 -13.16 12.60 -7.91
N ILE A 162 -13.47 12.21 -6.68
CA ILE A 162 -13.11 13.02 -5.50
C ILE A 162 -11.82 12.49 -4.81
N TRP A 163 -11.66 11.17 -4.74
CA TRP A 163 -10.59 10.57 -3.91
C TRP A 163 -9.55 9.86 -4.78
N GLY A 164 -8.32 9.80 -4.29
CA GLY A 164 -7.24 9.20 -5.06
C GLY A 164 -5.97 9.06 -4.25
N GLU A 165 -4.87 8.79 -4.94
CA GLU A 165 -3.59 8.53 -4.30
C GLU A 165 -2.51 9.32 -4.96
N HIS A 166 -1.52 9.73 -4.18
CA HIS A 166 -0.33 10.36 -4.76
C HIS A 166 0.77 10.15 -3.71
N GLU A 167 1.73 9.27 -4.02
CA GLU A 167 2.63 8.80 -2.97
C GLU A 167 4.04 8.65 -3.48
N ILE A 168 4.98 8.90 -2.57
CA ILE A 168 6.33 8.35 -2.64
C ILE A 168 6.21 7.04 -1.86
N CYS A 169 6.10 5.92 -2.58
CA CYS A 169 5.68 4.68 -1.94
C CYS A 169 6.88 3.71 -1.83
N TYR A 170 7.25 3.38 -0.59
CA TYR A 170 8.32 2.40 -0.34
C TYR A 170 7.78 0.98 -0.60
N LEU A 171 8.48 0.22 -1.42
CA LEU A 171 8.09 -1.16 -1.71
C LEU A 171 8.87 -2.08 -0.81
N LEU A 172 8.12 -2.83 0.00
CA LEU A 172 8.70 -3.67 1.05
C LEU A 172 8.35 -5.11 0.81
N LEU A 173 9.24 -6.00 1.22
CA LEU A 173 9.05 -7.43 0.92
C LEU A 173 9.24 -8.25 2.21
N VAL A 174 8.37 -9.24 2.40
CA VAL A 174 8.47 -10.17 3.52
C VAL A 174 8.32 -11.57 2.94
N ARG A 175 9.16 -12.52 3.36
N ARG A 175 9.16 -12.50 3.41
CA ARG A 175 8.90 -13.94 3.00
CA ARG A 175 8.97 -13.91 3.07
C ARG A 175 8.86 -14.78 4.26
C ARG A 175 8.86 -14.65 4.40
N LYS A 176 7.64 -15.09 4.70
CA LYS A 176 7.40 -15.76 5.98
C LYS A 176 6.03 -16.42 5.97
N ASN A 177 5.91 -17.57 6.64
CA ASN A 177 4.60 -18.17 6.84
C ASN A 177 4.02 -17.51 8.07
N VAL A 178 2.81 -16.99 7.94
CA VAL A 178 2.18 -16.23 9.04
C VAL A 178 0.74 -16.66 9.21
N THR A 179 0.17 -16.32 10.35
CA THR A 179 -1.25 -16.58 10.60
C THR A 179 -2.03 -15.26 10.44
N LEU A 180 -3.31 -15.37 10.08
CA LEU A 180 -4.13 -14.20 9.78
C LEU A 180 -5.37 -14.17 10.67
N ASN A 181 -5.76 -12.96 11.07
CA ASN A 181 -7.01 -12.71 11.78
C ASN A 181 -7.42 -11.32 11.32
N PRO A 182 -7.84 -11.21 10.04
CA PRO A 182 -8.03 -9.89 9.42
C PRO A 182 -9.23 -9.11 9.92
N ASP A 183 -9.09 -7.78 9.89
CA ASP A 183 -10.16 -6.88 10.28
C ASP A 183 -11.08 -6.69 9.09
N PRO A 184 -12.36 -7.11 9.21
CA PRO A 184 -13.23 -6.94 8.02
C PRO A 184 -13.52 -5.46 7.66
N SER A 185 -13.23 -4.52 8.57
CA SER A 185 -13.29 -3.10 8.25
C SER A 185 -12.27 -2.76 7.18
N GLU A 186 -11.14 -3.48 7.17
CA GLU A 186 -9.99 -3.26 6.29
C GLU A 186 -10.01 -4.18 5.07
N THR A 187 -10.38 -5.44 5.33
CA THR A 187 -10.15 -6.51 4.37
C THR A 187 -11.43 -7.35 4.12
N LYS A 188 -11.82 -7.52 2.86
CA LYS A 188 -13.01 -8.32 2.48
C LYS A 188 -12.64 -9.79 2.29
N SER A 189 -11.45 -10.04 1.72
CA SER A 189 -11.02 -11.43 1.46
C SER A 189 -9.52 -11.47 1.18
N ILE A 190 -8.98 -12.68 1.11
CA ILE A 190 -7.56 -12.85 0.87
C ILE A 190 -7.35 -14.03 -0.06
N LEU A 191 -6.45 -13.86 -1.03
CA LEU A 191 -6.00 -14.95 -1.90
C LEU A 191 -4.47 -15.14 -1.73
N TYR A 192 -4.00 -16.37 -1.70
CA TYR A 192 -2.57 -16.58 -1.80
C TYR A 192 -2.32 -17.14 -3.21
N LEU A 193 -1.70 -16.33 -4.06
CA LEU A 193 -1.50 -16.64 -5.48
C LEU A 193 -0.09 -17.02 -5.84
N SER A 194 0.02 -18.05 -6.69
CA SER A 194 1.27 -18.33 -7.36
C SER A 194 1.57 -17.18 -8.32
N GLN A 195 2.81 -17.17 -8.82
CA GLN A 195 3.18 -16.11 -9.76
C GLN A 195 2.26 -16.22 -10.98
N GLU A 196 2.01 -17.46 -11.40
N GLU A 196 2.00 -17.45 -11.42
CA GLU A 196 1.19 -17.72 -12.59
CA GLU A 196 1.16 -17.64 -12.65
C GLU A 196 -0.24 -17.19 -12.37
C GLU A 196 -0.31 -17.25 -12.41
N GLU A 197 -0.79 -17.44 -11.18
CA GLU A 197 -2.12 -16.96 -10.85
C GLU A 197 -2.21 -15.43 -10.75
N LEU A 198 -1.15 -14.81 -10.26
CA LEU A 198 -1.13 -13.32 -10.23
C LEU A 198 -1.15 -12.80 -11.67
N TRP A 199 -0.38 -13.44 -12.57
CA TRP A 199 -0.36 -13.00 -13.96
C TRP A 199 -1.78 -13.12 -14.52
N GLU A 200 -2.42 -14.24 -14.18
CA GLU A 200 -3.81 -14.49 -14.65
C GLU A 200 -4.80 -13.46 -14.09
N LEU A 201 -4.68 -13.15 -12.80
CA LEU A 201 -5.53 -12.08 -12.21
C LEU A 201 -5.43 -10.78 -13.03
N LEU A 202 -4.21 -10.43 -13.42
CA LEU A 202 -3.97 -9.17 -14.16
C LEU A 202 -4.52 -9.27 -15.58
N GLU A 203 -4.41 -10.45 -16.19
CA GLU A 203 -5.02 -10.66 -17.51
C GLU A 203 -6.51 -10.45 -17.41
N ARG A 204 -7.12 -11.01 -16.37
CA ARG A 204 -8.59 -10.86 -16.15
C ARG A 204 -8.93 -9.42 -15.85
N GLU A 205 -8.08 -8.72 -15.10
CA GLU A 205 -8.31 -7.29 -14.82
C GLU A 205 -8.39 -6.53 -16.14
N ALA A 206 -7.47 -6.86 -17.05
CA ALA A 206 -7.36 -6.06 -18.29
C ALA A 206 -8.60 -6.21 -19.18
N ARG A 207 -9.28 -7.35 -19.08
CA ARG A 207 -10.58 -7.61 -19.74
C ARG A 207 -11.76 -6.90 -19.08
N GLY A 208 -11.63 -6.60 -17.80
CA GLY A 208 -12.75 -6.05 -17.01
C GLY A 208 -13.38 -7.01 -16.02
N GLU A 209 -12.80 -8.20 -15.86
CA GLU A 209 -13.44 -9.22 -15.00
C GLU A 209 -13.40 -8.90 -13.51
N VAL A 210 -12.33 -8.22 -13.08
CA VAL A 210 -12.04 -8.05 -11.67
C VAL A 210 -11.37 -6.66 -11.48
N LYS A 211 -11.61 -6.04 -10.32
CA LYS A 211 -11.06 -4.71 -10.00
C LYS A 211 -9.79 -4.90 -9.23
N VAL A 212 -8.72 -4.29 -9.73
CA VAL A 212 -7.39 -4.43 -9.10
C VAL A 212 -6.77 -3.03 -9.00
N THR A 213 -6.09 -2.73 -7.90
CA THR A 213 -5.50 -1.41 -7.75
C THR A 213 -4.41 -1.24 -8.82
N PRO A 214 -4.31 -0.04 -9.37
CA PRO A 214 -3.35 0.11 -10.48
C PRO A 214 -1.89 -0.19 -10.13
N TRP A 215 -1.52 0.03 -8.87
CA TRP A 215 -0.12 -0.16 -8.51
C TRP A 215 0.26 -1.65 -8.41
N LEU A 216 -0.72 -2.53 -8.20
CA LEU A 216 -0.40 -3.97 -8.19
C LEU A 216 0.15 -4.42 -9.55
N ARG A 217 -0.46 -3.99 -10.64
CA ARG A 217 0.07 -4.35 -11.97
C ARG A 217 1.48 -3.76 -12.12
N THR A 218 1.65 -2.50 -11.71
CA THR A 218 2.98 -1.89 -11.83
C THR A 218 4.05 -2.69 -11.07
N ILE A 219 3.74 -3.03 -9.83
CA ILE A 219 4.70 -3.73 -8.98
C ILE A 219 5.00 -5.11 -9.57
N ALA A 220 3.97 -5.77 -10.04
CA ALA A 220 4.13 -7.11 -10.63
C ALA A 220 5.04 -7.07 -11.87
N GLU A 221 4.69 -6.21 -12.81
CA GLU A 221 5.39 -6.18 -14.11
C GLU A 221 6.78 -5.59 -14.02
N ARG A 222 7.00 -4.65 -13.10
CA ARG A 222 8.30 -3.99 -13.00
C ARG A 222 9.25 -4.73 -12.09
N PHE A 223 8.71 -5.37 -11.03
CA PHE A 223 9.52 -5.90 -9.96
C PHE A 223 9.26 -7.37 -9.68
N LEU A 224 8.01 -7.77 -9.42
CA LEU A 224 7.79 -9.10 -8.81
C LEU A 224 8.18 -10.23 -9.74
N TYR A 225 7.87 -10.09 -11.02
CA TYR A 225 8.27 -11.15 -11.95
C TYR A 225 9.79 -11.33 -12.00
N ARG A 226 10.54 -10.23 -11.90
N ARG A 226 10.53 -10.23 -11.88
CA ARG A 226 12.01 -10.30 -11.81
CA ARG A 226 11.99 -10.31 -11.85
C ARG A 226 12.45 -11.06 -10.55
C ARG A 226 12.53 -10.95 -10.54
N TRP A 227 11.84 -10.70 -9.42
CA TRP A 227 12.29 -11.21 -8.11
C TRP A 227 11.87 -12.63 -7.81
N TRP A 228 10.77 -13.10 -8.41
CA TRP A 228 10.09 -14.32 -7.93
C TRP A 228 10.97 -15.57 -7.90
N PRO A 229 11.81 -15.78 -8.95
CA PRO A 229 12.70 -16.96 -8.90
C PRO A 229 13.80 -16.87 -7.84
N HIS A 230 13.85 -15.73 -7.16
CA HIS A 230 14.94 -15.43 -6.23
C HIS A 230 14.48 -15.02 -4.82
N LEU A 231 13.31 -15.46 -4.40
CA LEU A 231 12.79 -15.00 -3.12
C LEU A 231 13.63 -15.45 -1.92
N ASP A 232 14.48 -16.47 -2.08
N ASP A 232 14.50 -16.43 -2.13
CA ASP A 232 15.30 -16.96 -0.98
CA ASP A 232 15.46 -16.90 -1.13
C ASP A 232 16.37 -15.93 -0.63
C ASP A 232 16.48 -15.81 -0.80
N ASP A 233 16.65 -15.04 -1.58
N ASP A 233 16.86 -15.05 -1.83
CA ASP A 233 17.58 -13.92 -1.36
CA ASP A 233 17.80 -13.94 -1.65
C ASP A 233 17.43 -12.84 -2.44
C ASP A 233 17.49 -12.74 -2.56
N VAL A 234 16.66 -11.82 -2.06
CA VAL A 234 16.31 -10.68 -2.90
C VAL A 234 17.27 -9.51 -2.71
N THR A 235 18.27 -9.68 -1.86
CA THR A 235 19.19 -8.57 -1.59
C THR A 235 19.88 -7.93 -2.83
N PRO A 236 20.19 -8.71 -3.89
CA PRO A 236 20.69 -8.10 -5.13
C PRO A 236 19.80 -7.06 -5.78
N PHE A 237 18.50 -7.07 -5.47
CA PHE A 237 17.53 -6.22 -6.16
C PHE A 237 17.23 -4.95 -5.36
N VAL A 238 17.84 -4.81 -4.18
CA VAL A 238 17.57 -3.62 -3.35
C VAL A 238 18.18 -2.41 -4.02
N GLU A 239 17.42 -1.32 -4.11
CA GLU A 239 17.89 -0.13 -4.80
C GLU A 239 17.86 1.03 -3.83
N LEU A 240 19.05 1.50 -3.47
CA LEU A 240 19.16 2.69 -2.65
C LEU A 240 19.25 3.91 -3.56
N HIS A 241 18.99 5.10 -3.02
CA HIS A 241 19.13 6.32 -3.82
C HIS A 241 18.37 6.29 -5.15
N LYS A 242 17.17 5.72 -5.15
CA LYS A 242 16.41 5.55 -6.36
C LYS A 242 14.91 5.76 -6.11
N ILE A 243 14.26 6.57 -6.95
CA ILE A 243 12.79 6.65 -6.89
C ILE A 243 12.32 6.45 -8.32
N HIS A 244 11.59 5.36 -8.54
CA HIS A 244 10.96 5.12 -9.82
C HIS A 244 9.74 6.01 -10.02
N ARG A 245 9.70 6.71 -11.15
CA ARG A 245 8.52 7.50 -11.49
C ARG A 245 7.65 6.62 -12.38
N VAL A 246 6.49 6.23 -11.87
CA VAL A 246 5.62 5.30 -12.60
C VAL A 246 4.23 5.85 -12.88
CA CA B . -4.24 -0.45 3.97
MN MN C . -1.88 7.26 0.26
P1 POP D . -4.44 2.28 2.13
O1 POP D . -5.53 3.12 1.49
O2 POP D . -3.19 2.33 1.25
O3 POP D . -4.87 0.85 2.24
O POP D . -4.00 2.91 3.56
P2 POP D . -4.65 2.61 5.00
O4 POP D . -3.86 3.37 6.06
O5 POP D . -4.57 1.21 5.44
O6 POP D . -6.12 3.07 4.96
C1 GOL E . 11.33 4.44 -15.65
C1 GOL E . 10.47 5.00 -14.82
O1 GOL E . 12.15 5.53 -15.98
O1 GOL E . 9.64 4.26 -13.92
C2 GOL E . 11.79 3.81 -14.34
C2 GOL E . 11.81 5.44 -14.21
O2 GOL E . 11.64 4.75 -13.32
O2 GOL E . 11.75 6.41 -13.18
C3 GOL E . 13.21 3.24 -14.48
C3 GOL E . 12.72 4.29 -13.82
O3 GOL E . 14.18 3.90 -13.70
O3 GOL E . 11.89 3.22 -13.43
C1 GOL F . -15.07 -10.81 -7.60
O1 GOL F . -14.29 -10.09 -8.56
C2 GOL F . -15.85 -9.87 -6.68
O2 GOL F . -15.90 -8.52 -7.10
C3 GOL F . -15.88 -10.20 -5.18
O3 GOL F . -16.19 -9.10 -4.32
C1 GOL G . 5.34 11.49 -11.38
O1 GOL G . 4.59 11.88 -12.49
C2 GOL G . 4.91 10.06 -11.11
O2 GOL G . 5.35 9.25 -12.19
C3 GOL G . 3.39 9.94 -10.95
O3 GOL G . 2.68 11.17 -10.98
#